data_1MEI
#
_entry.id   1MEI
#
_cell.length_a   155.070
_cell.length_b   155.070
_cell.length_c   155.070
_cell.angle_alpha   90.00
_cell.angle_beta   90.00
_cell.angle_gamma   90.00
#
_symmetry.space_group_name_H-M   'P 4 3 2'
#
loop_
_entity.id
_entity.type
_entity.pdbx_description
1 polymer "INOSINE-5'-MONOPHOSPHATE DEHYDROGENASE"
2 non-polymer 'POTASSIUM ION'
3 non-polymer "XANTHOSINE-5'-MONOPHOSPHATE"
4 non-polymer 'MYCOPHENOLIC ACID'
5 water water
#
_entity_poly.entity_id   1
_entity_poly.type   'polypeptide(L)'
_entity_poly.pdbx_seq_one_letter_code
;MAKYYNEPCHTFNEYLLIPGLSTVDCIPSNVNLSTPLVKFQKGQQSEINLKIPLVSAIMQSVSGEKMAIALAREGGISFI
FGSQSIESQAAMVHAVKNFKAGFVVSDSNVKPDQTFADVLAISQRTTHNTVAVTDDGTPHGVLLGLVTQRDYPIDLTQTE
TKVSDMMTPFSKLVTAHQDTKLSEANKIIWEKKLNALPIIDDDQHLRYIVFRKDYDRSQVCHNELVDSQKRYLVGAGINT
RDFRERVPALVEAGADVLCIDSSDGFSEWQKITIGWIREKYGDKVKVGAGNIVDGEGFRYLADAGADFIKIGIGGGSICI
TREQKGIGRGQATAVIDVVAERNKYFEETGIYIPVCSDGGIVYDYHMTLALAMGADFIMLGRYFARFEESPTRKVTINGS
VMKEYWGEGSSRARNWQRYDLGGKQKLSFEEGVDSYVPYAGKLKDNVEASLNKVKSTMCNCGALTIPQLQSKAKITLVSS
VSIVEGGAHDVIVKDRINDYHPK
;
_entity_poly.pdbx_strand_id   A
#
# COMPACT_ATOMS: atom_id res chain seq x y z
N ALA A 2 12.59 26.49 -14.06
CA ALA A 2 12.26 25.25 -13.31
C ALA A 2 12.20 25.52 -11.81
N LYS A 3 11.60 24.59 -11.07
CA LYS A 3 11.48 24.73 -9.62
C LYS A 3 12.42 23.76 -8.93
N TYR A 4 13.17 24.26 -7.94
CA TYR A 4 14.12 23.46 -7.18
C TYR A 4 13.73 23.35 -5.71
N TYR A 5 14.44 22.50 -4.97
CA TYR A 5 14.16 22.31 -3.56
C TYR A 5 15.37 22.62 -2.70
N ASN A 6 15.12 22.99 -1.45
CA ASN A 6 16.19 23.34 -0.52
C ASN A 6 16.97 22.14 -0.01
N GLU A 7 16.35 20.97 0.01
CA GLU A 7 17.02 19.77 0.50
C GLU A 7 16.89 18.59 -0.45
N PRO A 8 17.90 17.70 -0.47
CA PRO A 8 17.82 16.54 -1.36
C PRO A 8 16.82 15.57 -0.73
N CYS A 9 16.27 14.65 -1.52
CA CYS A 9 15.33 13.67 -0.98
C CYS A 9 16.09 12.50 -0.35
N HIS A 10 15.42 11.77 0.55
CA HIS A 10 16.04 10.64 1.25
C HIS A 10 15.19 9.38 1.23
N THR A 11 15.84 8.22 1.38
CA THR A 11 15.14 6.93 1.40
C THR A 11 15.00 6.48 2.86
N PHE A 12 14.23 5.43 3.11
CA PHE A 12 14.03 4.93 4.46
C PHE A 12 15.33 4.48 5.15
N ASN A 13 16.29 4.01 4.36
CA ASN A 13 17.57 3.56 4.91
C ASN A 13 18.39 4.65 5.57
N GLU A 14 18.01 5.91 5.35
CA GLU A 14 18.75 7.03 5.93
C GLU A 14 18.19 7.50 7.27
N TYR A 15 17.24 6.76 7.82
CA TYR A 15 16.64 7.15 9.08
C TYR A 15 16.67 6.11 10.17
N LEU A 16 16.63 6.58 11.40
CA LEU A 16 16.59 5.72 12.58
C LEU A 16 15.63 6.37 13.56
N LEU A 17 15.04 5.56 14.43
CA LEU A 17 14.12 6.05 15.45
C LEU A 17 14.86 6.19 16.77
N ILE A 18 14.64 7.30 17.46
CA ILE A 18 15.26 7.53 18.76
C ILE A 18 14.18 7.19 19.78
N PRO A 19 14.47 6.28 20.72
CA PRO A 19 13.48 5.88 21.73
C PRO A 19 12.87 7.01 22.56
N GLY A 20 11.64 6.77 22.99
CA GLY A 20 10.93 7.71 23.84
C GLY A 20 10.68 6.99 25.15
N LEU A 21 9.85 7.57 26.01
CA LEU A 21 9.55 6.94 27.29
C LEU A 21 8.65 5.74 27.10
N SER A 22 9.13 4.57 27.51
CA SER A 22 8.33 3.35 27.42
C SER A 22 7.67 3.11 28.76
N THR A 23 6.34 3.11 28.77
CA THR A 23 5.59 2.90 30.01
C THR A 23 5.37 1.42 30.27
N VAL A 24 5.04 1.09 31.53
CA VAL A 24 4.81 -0.29 31.92
C VAL A 24 3.68 -0.99 31.14
N ASP A 25 2.68 -0.23 30.73
CA ASP A 25 1.57 -0.81 29.98
C ASP A 25 1.85 -1.11 28.52
N CYS A 26 3.03 -0.72 28.01
CA CYS A 26 3.31 -0.97 26.60
C CYS A 26 4.09 -2.26 26.35
N ILE A 27 3.37 -3.30 25.97
CA ILE A 27 3.98 -4.58 25.63
C ILE A 27 3.41 -4.89 24.25
N PRO A 28 4.18 -5.57 23.42
CA PRO A 28 3.74 -5.92 22.06
C PRO A 28 2.30 -6.42 21.95
N SER A 29 1.91 -7.32 22.86
CA SER A 29 0.56 -7.86 22.83
C SER A 29 -0.54 -6.82 23.01
N ASN A 30 -0.22 -5.69 23.63
CA ASN A 30 -1.23 -4.66 23.82
C ASN A 30 -1.20 -3.58 22.73
N VAL A 31 -0.31 -3.73 21.76
CA VAL A 31 -0.22 -2.75 20.69
C VAL A 31 -1.35 -2.96 19.68
N ASN A 32 -2.04 -1.88 19.35
CA ASN A 32 -3.15 -1.91 18.40
C ASN A 32 -2.65 -1.43 17.05
N LEU A 33 -2.71 -2.30 16.03
CA LEU A 33 -2.25 -1.96 14.68
C LEU A 33 -3.35 -1.61 13.68
N SER A 34 -4.54 -1.27 14.17
CA SER A 34 -5.65 -0.89 13.31
C SER A 34 -5.32 0.43 12.62
N THR A 35 -5.88 0.64 11.43
CA THR A 35 -5.62 1.87 10.71
C THR A 35 -6.71 2.07 9.65
N PRO A 36 -7.08 3.33 9.38
CA PRO A 36 -8.12 3.66 8.39
C PRO A 36 -7.69 3.43 6.93
N LEU A 37 -8.60 2.86 6.14
CA LEU A 37 -8.34 2.60 4.73
C LEU A 37 -8.90 3.69 3.82
N VAL A 38 -10.10 4.18 4.11
CA VAL A 38 -10.72 5.20 3.29
C VAL A 38 -11.06 6.45 4.07
N LYS A 39 -11.19 7.57 3.36
CA LYS A 39 -11.46 8.87 3.98
C LYS A 39 -12.76 8.99 4.76
N PHE A 40 -12.73 9.91 5.72
CA PHE A 40 -13.86 10.20 6.59
C PHE A 40 -13.75 11.64 7.06
N GLN A 41 -14.82 12.16 7.66
CA GLN A 41 -14.85 13.52 8.18
C GLN A 41 -14.41 13.55 9.63
N LYS A 42 -14.04 14.72 10.12
CA LYS A 42 -13.63 14.85 11.50
C LYS A 42 -14.75 14.40 12.43
N GLY A 43 -14.39 13.69 13.50
CA GLY A 43 -15.38 13.22 14.46
C GLY A 43 -15.92 11.84 14.13
N GLN A 44 -15.64 11.38 12.92
CA GLN A 44 -16.11 10.06 12.49
C GLN A 44 -14.96 9.06 12.49
N GLN A 45 -15.27 7.83 12.11
CA GLN A 45 -14.31 6.75 12.00
C GLN A 45 -14.39 6.35 10.54
N SER A 46 -13.35 5.69 10.02
CA SER A 46 -13.37 5.25 8.64
C SER A 46 -14.33 4.07 8.51
N GLU A 47 -15.01 3.98 7.37
CA GLU A 47 -15.96 2.89 7.12
C GLU A 47 -15.21 1.57 7.01
N ILE A 48 -13.92 1.63 6.70
CA ILE A 48 -13.11 0.43 6.58
C ILE A 48 -11.79 0.60 7.32
N ASN A 49 -11.55 -0.26 8.31
CA ASN A 49 -10.32 -0.19 9.07
C ASN A 49 -9.59 -1.52 8.96
N LEU A 50 -8.32 -1.47 8.56
CA LEU A 50 -7.51 -2.68 8.46
C LEU A 50 -7.14 -3.07 9.89
N LYS A 51 -6.88 -4.36 10.12
CA LYS A 51 -6.48 -4.82 11.45
C LYS A 51 -4.96 -4.68 11.56
N ILE A 52 -4.29 -4.73 10.40
CA ILE A 52 -2.84 -4.55 10.31
C ILE A 52 -2.64 -3.62 9.11
N PRO A 53 -1.67 -2.70 9.20
CA PRO A 53 -1.39 -1.72 8.14
C PRO A 53 -0.64 -2.23 6.90
N LEU A 54 -0.90 -3.46 6.47
CA LEU A 54 -0.23 -3.99 5.29
C LEU A 54 -1.22 -4.38 4.19
N VAL A 55 -0.90 -4.00 2.96
CA VAL A 55 -1.73 -4.34 1.81
C VAL A 55 -0.76 -4.85 0.74
N SER A 56 -1.18 -5.87 -0.02
CA SER A 56 -0.33 -6.43 -1.07
C SER A 56 -0.51 -5.65 -2.37
N ALA A 57 0.58 -5.47 -3.09
CA ALA A 57 0.61 -4.71 -4.34
C ALA A 57 -0.32 -5.19 -5.47
N ILE A 58 -0.72 -4.23 -6.30
CA ILE A 58 -1.61 -4.47 -7.44
C ILE A 58 -0.75 -5.04 -8.58
N MET A 59 -0.25 -6.24 -8.36
CA MET A 59 0.65 -6.88 -9.33
C MET A 59 0.31 -8.34 -9.64
N GLN A 60 0.53 -8.74 -10.89
CA GLN A 60 0.26 -10.10 -11.34
C GLN A 60 1.02 -11.14 -10.52
N SER A 61 2.23 -10.80 -10.09
CA SER A 61 3.05 -11.74 -9.34
C SER A 61 2.87 -11.67 -7.83
N VAL A 62 1.87 -10.92 -7.38
CA VAL A 62 1.65 -10.79 -5.94
C VAL A 62 0.23 -11.05 -5.45
N SER A 63 -0.72 -10.24 -5.90
CA SER A 63 -2.10 -10.34 -5.42
C SER A 63 -3.11 -11.15 -6.22
N GLY A 64 -3.13 -12.45 -5.95
CA GLY A 64 -4.07 -13.34 -6.60
C GLY A 64 -5.12 -13.69 -5.55
N GLU A 65 -5.94 -14.70 -5.85
CA GLU A 65 -7.00 -15.14 -4.95
C GLU A 65 -6.47 -15.61 -3.60
N LYS A 66 -5.50 -16.50 -3.63
CA LYS A 66 -4.92 -17.05 -2.41
C LYS A 66 -4.25 -15.99 -1.53
N MET A 67 -3.57 -15.04 -2.15
CA MET A 67 -2.92 -13.98 -1.40
C MET A 67 -3.97 -13.16 -0.67
N ALA A 68 -5.03 -12.79 -1.39
CA ALA A 68 -6.11 -11.99 -0.82
C ALA A 68 -6.76 -12.66 0.41
N ILE A 69 -6.97 -13.97 0.33
CA ILE A 69 -7.57 -14.71 1.44
C ILE A 69 -6.58 -14.81 2.60
N ALA A 70 -5.34 -15.19 2.29
CA ALA A 70 -4.30 -15.32 3.31
C ALA A 70 -4.04 -14.01 4.06
N LEU A 71 -4.03 -12.90 3.34
CA LEU A 71 -3.77 -11.60 3.96
C LEU A 71 -4.99 -11.09 4.73
N ALA A 72 -6.18 -11.26 4.17
CA ALA A 72 -7.39 -10.82 4.86
C ALA A 72 -7.51 -11.55 6.18
N ARG A 73 -7.12 -12.82 6.18
CA ARG A 73 -7.18 -13.64 7.39
C ARG A 73 -6.32 -13.07 8.51
N GLU A 74 -5.25 -12.36 8.15
CA GLU A 74 -4.37 -11.78 9.15
C GLU A 74 -4.75 -10.33 9.47
N GLY A 75 -5.71 -9.78 8.74
CA GLY A 75 -6.14 -8.42 9.02
C GLY A 75 -5.82 -7.36 7.97
N GLY A 76 -5.10 -7.75 6.92
CA GLY A 76 -4.77 -6.82 5.87
C GLY A 76 -5.69 -7.02 4.69
N ILE A 77 -5.38 -6.39 3.56
CA ILE A 77 -6.20 -6.53 2.36
C ILE A 77 -5.35 -6.56 1.10
N SER A 78 -5.81 -7.28 0.09
CA SER A 78 -5.09 -7.39 -1.18
C SER A 78 -5.85 -6.67 -2.27
N PHE A 79 -5.13 -6.12 -3.23
CA PHE A 79 -5.75 -5.45 -4.36
C PHE A 79 -5.50 -6.33 -5.58
N ILE A 80 -6.47 -7.17 -5.92
CA ILE A 80 -6.38 -8.07 -7.07
C ILE A 80 -5.89 -7.27 -8.29
N PHE A 81 -4.81 -7.73 -8.91
CA PHE A 81 -4.27 -7.02 -10.06
C PHE A 81 -5.28 -6.81 -11.19
N GLY A 82 -5.25 -5.62 -11.78
CA GLY A 82 -6.16 -5.31 -12.87
C GLY A 82 -5.55 -5.52 -14.24
N SER A 83 -4.29 -5.95 -14.29
CA SER A 83 -3.63 -6.19 -15.56
C SER A 83 -4.01 -7.57 -16.10
N GLN A 84 -5.30 -7.76 -16.29
CA GLN A 84 -5.86 -9.01 -16.81
C GLN A 84 -7.25 -8.68 -17.31
N SER A 85 -7.91 -9.65 -17.95
CA SER A 85 -9.26 -9.41 -18.46
C SER A 85 -10.20 -9.04 -17.34
N ILE A 86 -11.18 -8.21 -17.66
CA ILE A 86 -12.18 -7.76 -16.69
C ILE A 86 -12.89 -8.94 -16.04
N GLU A 87 -13.19 -9.96 -16.85
CA GLU A 87 -13.87 -11.14 -16.34
C GLU A 87 -12.99 -12.01 -15.47
N SER A 88 -11.69 -12.02 -15.73
CA SER A 88 -10.75 -12.81 -14.93
C SER A 88 -10.57 -12.17 -13.55
N GLN A 89 -10.44 -10.85 -13.53
CA GLN A 89 -10.28 -10.12 -12.28
C GLN A 89 -11.53 -10.25 -11.42
N ALA A 90 -12.69 -10.11 -12.04
CA ALA A 90 -13.96 -10.21 -11.33
C ALA A 90 -14.10 -11.60 -10.69
N ALA A 91 -13.70 -12.63 -11.42
CA ALA A 91 -13.77 -14.00 -10.92
C ALA A 91 -12.97 -14.13 -9.62
N MET A 92 -11.75 -13.60 -9.62
CA MET A 92 -10.90 -13.66 -8.43
C MET A 92 -11.56 -12.94 -7.25
N VAL A 93 -12.10 -11.75 -7.51
CA VAL A 93 -12.76 -10.97 -6.47
C VAL A 93 -13.94 -11.76 -5.93
N HIS A 94 -14.73 -12.34 -6.83
CA HIS A 94 -15.90 -13.12 -6.44
C HIS A 94 -15.49 -14.35 -5.63
N ALA A 95 -14.41 -15.01 -6.04
CA ALA A 95 -13.92 -16.19 -5.35
C ALA A 95 -13.52 -15.86 -3.90
N VAL A 96 -12.97 -14.68 -3.69
CA VAL A 96 -12.55 -14.27 -2.36
C VAL A 96 -13.75 -13.94 -1.49
N LYS A 97 -14.70 -13.19 -2.03
CA LYS A 97 -15.89 -12.80 -1.30
C LYS A 97 -16.78 -13.99 -0.94
N ASN A 98 -16.71 -15.05 -1.75
CA ASN A 98 -17.54 -16.23 -1.50
C ASN A 98 -16.73 -17.45 -1.11
N PHE A 99 -15.59 -17.24 -0.45
CA PHE A 99 -14.75 -18.36 -0.04
C PHE A 99 -15.34 -19.20 1.08
N LYS A 100 -16.09 -18.56 1.97
CA LYS A 100 -16.69 -19.27 3.10
C LYS A 100 -18.04 -19.93 2.79
N ALA A 101 -18.43 -19.91 1.52
CA ALA A 101 -19.71 -20.51 1.12
C ALA A 101 -19.75 -21.99 1.43
N HIS A 222 -9.76 -14.44 15.83
CA HIS A 222 -8.90 -14.17 14.68
C HIS A 222 -8.88 -12.67 14.40
N ASN A 223 -7.92 -12.22 13.60
CA ASN A 223 -7.84 -10.82 13.23
C ASN A 223 -8.22 -10.68 11.76
N GLU A 224 -9.11 -11.56 11.32
CA GLU A 224 -9.57 -11.53 9.93
C GLU A 224 -10.27 -10.22 9.61
N LEU A 225 -10.05 -9.72 8.40
CA LEU A 225 -10.67 -8.50 7.94
C LEU A 225 -11.89 -8.91 7.10
N VAL A 226 -13.08 -8.64 7.62
CA VAL A 226 -14.31 -9.01 6.93
C VAL A 226 -15.38 -7.93 6.91
N ASP A 227 -16.41 -8.14 6.09
CA ASP A 227 -17.52 -7.22 5.99
C ASP A 227 -18.61 -7.68 6.97
N SER A 228 -19.72 -6.95 7.02
CA SER A 228 -20.83 -7.28 7.92
C SER A 228 -21.41 -8.67 7.69
N GLN A 229 -21.02 -9.31 6.59
CA GLN A 229 -21.50 -10.66 6.28
C GLN A 229 -20.44 -11.70 6.60
N LYS A 230 -19.39 -11.28 7.30
CA LYS A 230 -18.30 -12.17 7.69
C LYS A 230 -17.44 -12.62 6.52
N ARG A 231 -17.60 -11.97 5.37
CA ARG A 231 -16.83 -12.32 4.18
C ARG A 231 -15.53 -11.52 4.14
N TYR A 232 -14.44 -12.17 3.72
CA TYR A 232 -13.15 -11.52 3.63
C TYR A 232 -13.20 -10.27 2.74
N LEU A 233 -12.51 -9.22 3.18
CA LEU A 233 -12.47 -7.99 2.40
C LEU A 233 -11.45 -8.19 1.28
N VAL A 234 -11.68 -7.52 0.16
CA VAL A 234 -10.76 -7.63 -0.96
C VAL A 234 -10.80 -6.37 -1.79
N GLY A 235 -9.65 -6.00 -2.35
CA GLY A 235 -9.57 -4.81 -3.16
C GLY A 235 -9.31 -5.20 -4.61
N ALA A 236 -9.41 -4.23 -5.51
CA ALA A 236 -9.17 -4.51 -6.91
C ALA A 236 -8.58 -3.28 -7.62
N GLY A 237 -7.53 -3.49 -8.39
CA GLY A 237 -6.93 -2.39 -9.11
C GLY A 237 -7.68 -2.12 -10.40
N ILE A 238 -7.73 -0.85 -10.79
CA ILE A 238 -8.40 -0.45 -12.03
C ILE A 238 -7.48 0.53 -12.77
N ASN A 239 -7.77 0.76 -14.05
CA ASN A 239 -6.96 1.68 -14.84
C ASN A 239 -7.83 2.82 -15.36
N THR A 240 -7.19 3.84 -15.92
CA THR A 240 -7.91 4.99 -16.43
C THR A 240 -8.47 4.81 -17.84
N ARG A 241 -8.42 3.58 -18.37
CA ARG A 241 -8.92 3.35 -19.72
C ARG A 241 -10.25 2.59 -19.84
N ASP A 242 -10.30 1.36 -19.36
CA ASP A 242 -11.52 0.57 -19.46
C ASP A 242 -12.37 0.53 -18.18
N PHE A 243 -12.30 1.58 -17.37
CA PHE A 243 -13.05 1.62 -16.11
C PHE A 243 -14.57 1.60 -16.23
N ARG A 244 -15.10 2.09 -17.35
CA ARG A 244 -16.55 2.12 -17.54
C ARG A 244 -17.11 0.70 -17.61
N GLU A 245 -16.29 -0.25 -18.06
CA GLU A 245 -16.71 -1.65 -18.14
C GLU A 245 -16.16 -2.46 -16.97
N ARG A 246 -14.95 -2.13 -16.54
CA ARG A 246 -14.31 -2.86 -15.44
C ARG A 246 -14.90 -2.59 -14.05
N VAL A 247 -15.16 -1.32 -13.73
CA VAL A 247 -15.71 -0.98 -12.43
C VAL A 247 -17.01 -1.75 -12.14
N PRO A 248 -18.04 -1.59 -12.99
CA PRO A 248 -19.31 -2.30 -12.77
C PRO A 248 -19.12 -3.79 -12.49
N ALA A 249 -18.24 -4.43 -13.26
CA ALA A 249 -17.99 -5.85 -13.09
C ALA A 249 -17.37 -6.11 -11.71
N LEU A 250 -16.48 -5.23 -11.29
CA LEU A 250 -15.81 -5.36 -10.00
C LEU A 250 -16.80 -5.15 -8.85
N VAL A 251 -17.65 -4.14 -8.99
CA VAL A 251 -18.66 -3.85 -7.97
C VAL A 251 -19.61 -5.05 -7.88
N GLU A 252 -20.12 -5.46 -9.03
CA GLU A 252 -21.04 -6.59 -9.09
C GLU A 252 -20.42 -7.85 -8.47
N ALA A 253 -19.12 -8.02 -8.68
CA ALA A 253 -18.42 -9.18 -8.13
C ALA A 253 -18.24 -9.08 -6.60
N GLY A 254 -18.43 -7.87 -6.06
CA GLY A 254 -18.31 -7.68 -4.62
C GLY A 254 -17.04 -7.05 -4.09
N ALA A 255 -16.25 -6.40 -4.94
CA ALA A 255 -15.03 -5.76 -4.50
C ALA A 255 -15.37 -4.72 -3.44
N ASP A 256 -14.66 -4.74 -2.31
CA ASP A 256 -14.90 -3.79 -1.22
C ASP A 256 -14.29 -2.41 -1.45
N VAL A 257 -13.20 -2.37 -2.22
CA VAL A 257 -12.54 -1.10 -2.49
C VAL A 257 -11.74 -1.21 -3.78
N LEU A 258 -11.62 -0.11 -4.49
CA LEU A 258 -10.88 -0.08 -5.74
C LEU A 258 -9.68 0.85 -5.62
N CYS A 259 -8.77 0.78 -6.59
CA CYS A 259 -7.60 1.65 -6.57
C CYS A 259 -7.03 1.81 -7.97
N ILE A 260 -6.92 3.05 -8.42
CA ILE A 260 -6.37 3.32 -9.74
C ILE A 260 -4.86 3.07 -9.64
N ASP A 261 -4.37 2.16 -10.47
CA ASP A 261 -2.99 1.73 -10.52
C ASP A 261 -2.18 2.49 -11.59
N SER A 262 -1.26 3.36 -11.18
CA SER A 262 -0.46 4.12 -12.14
C SER A 262 0.90 4.63 -11.62
N SER A 263 1.88 4.76 -12.51
CA SER A 263 3.21 5.22 -12.13
C SER A 263 3.22 6.73 -11.86
N ASP A 264 2.24 7.44 -12.42
CA ASP A 264 2.14 8.88 -12.22
C ASP A 264 0.67 9.24 -12.11
N GLY A 265 0.18 9.28 -10.88
CA GLY A 265 -1.22 9.60 -10.63
C GLY A 265 -1.57 11.07 -10.70
N PHE A 266 -0.56 11.92 -10.87
CA PHE A 266 -0.82 13.35 -10.97
C PHE A 266 -1.29 13.54 -12.40
N SER A 267 -2.46 12.98 -12.72
CA SER A 267 -3.01 13.03 -14.06
C SER A 267 -4.49 13.36 -14.14
N GLU A 268 -4.87 14.10 -15.17
CA GLU A 268 -6.25 14.47 -15.38
C GLU A 268 -7.07 13.21 -15.60
N TRP A 269 -6.43 12.16 -16.09
CA TRP A 269 -7.12 10.90 -16.33
C TRP A 269 -7.67 10.29 -15.03
N GLN A 270 -6.93 10.45 -13.93
CA GLN A 270 -7.39 9.90 -12.66
C GLN A 270 -8.57 10.74 -12.17
N LYS A 271 -8.52 12.05 -12.42
CA LYS A 271 -9.61 12.91 -12.02
C LYS A 271 -10.89 12.48 -12.76
N ILE A 272 -10.74 12.24 -14.06
CA ILE A 272 -11.87 11.81 -14.88
C ILE A 272 -12.42 10.47 -14.39
N THR A 273 -11.53 9.53 -14.11
CA THR A 273 -11.94 8.21 -13.65
C THR A 273 -12.70 8.28 -12.32
N ILE A 274 -12.16 9.00 -11.35
CA ILE A 274 -12.81 9.12 -10.05
C ILE A 274 -14.16 9.83 -10.21
N GLY A 275 -14.18 10.86 -11.06
CA GLY A 275 -15.40 11.61 -11.30
C GLY A 275 -16.52 10.75 -11.85
N TRP A 276 -16.18 9.85 -12.76
CA TRP A 276 -17.16 8.97 -13.38
C TRP A 276 -17.74 8.04 -12.31
N ILE A 277 -16.87 7.56 -11.43
CA ILE A 277 -17.29 6.66 -10.36
C ILE A 277 -18.23 7.36 -9.39
N ARG A 278 -17.93 8.61 -9.07
CA ARG A 278 -18.77 9.38 -8.15
C ARG A 278 -20.12 9.72 -8.75
N GLU A 279 -20.17 9.88 -10.07
CA GLU A 279 -21.40 10.22 -10.79
C GLU A 279 -22.35 9.02 -10.90
N LYS A 280 -21.79 7.82 -10.90
CA LYS A 280 -22.62 6.62 -11.02
C LYS A 280 -22.85 5.89 -9.71
N TYR A 281 -21.96 6.07 -8.74
CA TYR A 281 -22.09 5.38 -7.47
C TYR A 281 -22.03 6.29 -6.24
N GLY A 282 -21.82 7.58 -6.44
CA GLY A 282 -21.74 8.46 -5.28
C GLY A 282 -20.57 8.03 -4.41
N ASP A 283 -20.72 8.15 -3.09
CA ASP A 283 -19.66 7.77 -2.16
C ASP A 283 -19.80 6.32 -1.68
N LYS A 284 -20.57 5.52 -2.40
CA LYS A 284 -20.77 4.11 -2.02
C LYS A 284 -19.63 3.21 -2.49
N VAL A 285 -18.95 3.65 -3.53
CA VAL A 285 -17.82 2.89 -4.06
C VAL A 285 -16.54 3.62 -3.67
N LYS A 286 -15.66 2.93 -2.97
CA LYS A 286 -14.40 3.52 -2.52
C LYS A 286 -13.32 3.29 -3.56
N VAL A 287 -12.57 4.35 -3.87
CA VAL A 287 -11.51 4.25 -4.86
C VAL A 287 -10.27 5.04 -4.45
N GLY A 288 -9.14 4.34 -4.38
CA GLY A 288 -7.88 4.98 -4.04
C GLY A 288 -7.23 5.44 -5.33
N ALA A 289 -6.34 6.42 -5.25
CA ALA A 289 -5.66 6.95 -6.43
C ALA A 289 -4.16 7.14 -6.18
N GLY A 290 -3.39 7.31 -7.27
CA GLY A 290 -1.96 7.48 -7.14
C GLY A 290 -1.23 6.89 -8.34
N ASN A 291 0.09 6.85 -8.32
CA ASN A 291 0.91 7.33 -7.20
C ASN A 291 1.40 8.77 -7.37
N ILE A 292 1.61 9.45 -6.24
CA ILE A 292 2.12 10.81 -6.26
C ILE A 292 3.24 10.85 -5.22
N VAL A 293 4.03 11.93 -5.21
CA VAL A 293 5.15 12.03 -4.27
C VAL A 293 5.31 13.37 -3.57
N ASP A 294 4.37 14.28 -3.80
CA ASP A 294 4.46 15.59 -3.16
C ASP A 294 3.08 16.15 -2.78
N GLY A 295 3.08 17.25 -2.04
CA GLY A 295 1.83 17.87 -1.63
C GLY A 295 0.90 18.27 -2.76
N GLU A 296 1.44 18.77 -3.87
CA GLU A 296 0.62 19.18 -5.01
C GLU A 296 -0.13 17.99 -5.59
N GLY A 297 0.58 16.90 -5.80
CA GLY A 297 -0.04 15.71 -6.36
C GLY A 297 -1.12 15.16 -5.44
N PHE A 298 -0.84 15.16 -4.13
CA PHE A 298 -1.79 14.70 -3.15
C PHE A 298 -3.06 15.54 -3.21
N ARG A 299 -2.86 16.86 -3.19
CA ARG A 299 -3.92 17.86 -3.23
C ARG A 299 -4.82 17.68 -4.46
N TYR A 300 -4.20 17.46 -5.61
CA TYR A 300 -4.96 17.27 -6.83
C TYR A 300 -5.86 16.05 -6.73
N LEU A 301 -5.35 14.94 -6.21
CA LEU A 301 -6.16 13.74 -6.10
C LEU A 301 -7.21 13.84 -4.99
N ALA A 302 -6.91 14.62 -3.96
CA ALA A 302 -7.85 14.80 -2.86
C ALA A 302 -9.07 15.57 -3.37
N ASP A 303 -8.83 16.70 -4.03
CA ASP A 303 -9.92 17.50 -4.58
C ASP A 303 -10.69 16.69 -5.60
N ALA A 304 -10.01 15.75 -6.26
CA ALA A 304 -10.66 14.92 -7.26
C ALA A 304 -11.62 13.91 -6.62
N GLY A 305 -11.46 13.66 -5.31
CA GLY A 305 -12.34 12.74 -4.62
C GLY A 305 -11.80 11.39 -4.17
N ALA A 306 -10.50 11.16 -4.33
CA ALA A 306 -9.90 9.89 -3.93
C ALA A 306 -10.21 9.55 -2.47
N ASP A 307 -10.44 8.26 -2.18
CA ASP A 307 -10.75 7.81 -0.82
C ASP A 307 -9.47 7.55 -0.02
N PHE A 308 -8.37 7.37 -0.74
CA PHE A 308 -7.05 7.20 -0.14
C PHE A 308 -6.07 7.47 -1.27
N ILE A 309 -4.90 7.99 -0.92
CA ILE A 309 -3.90 8.34 -1.92
C ILE A 309 -2.61 7.55 -1.71
N LYS A 310 -2.13 6.94 -2.79
CA LYS A 310 -0.93 6.12 -2.75
C LYS A 310 0.34 6.91 -3.07
N ILE A 311 1.34 6.77 -2.19
CA ILE A 311 2.60 7.49 -2.31
C ILE A 311 3.76 6.62 -2.80
N GLY A 312 4.51 7.13 -3.77
CA GLY A 312 5.66 6.38 -4.24
C GLY A 312 5.87 6.20 -5.73
N ILE A 313 7.03 6.69 -6.19
CA ILE A 313 7.46 6.55 -7.57
C ILE A 313 8.96 6.34 -7.54
N GLY A 314 9.40 5.14 -7.94
CA GLY A 314 10.82 4.86 -7.95
C GLY A 314 11.35 3.97 -6.83
N GLY A 315 10.75 4.06 -5.65
CA GLY A 315 11.19 3.28 -4.52
C GLY A 315 11.18 1.77 -4.67
N GLY A 316 10.17 1.23 -5.35
CA GLY A 316 10.06 -0.21 -5.54
C GLY A 316 11.36 -1.00 -5.73
N SER A 317 11.32 -2.28 -5.40
CA SER A 317 12.49 -3.15 -5.53
C SER A 317 12.81 -3.43 -7.00
N ILE A 318 11.77 -3.75 -7.76
CA ILE A 318 11.92 -4.03 -9.19
C ILE A 318 11.88 -2.72 -9.97
N CYS A 319 12.41 -1.67 -9.35
CA CYS A 319 12.44 -0.35 -9.96
C CYS A 319 13.85 0.15 -10.27
N ILE A 320 14.08 0.47 -11.54
CA ILE A 320 15.37 0.98 -11.99
C ILE A 320 15.14 2.41 -12.49
N THR A 321 14.57 3.23 -11.61
CA THR A 321 14.26 4.64 -11.91
C THR A 321 15.21 5.30 -12.90
N ARG A 322 16.50 5.28 -12.59
CA ARG A 322 17.50 5.87 -13.47
C ARG A 322 17.32 5.38 -14.90
N GLU A 323 17.51 4.07 -15.10
CA GLU A 323 17.35 3.50 -16.43
C GLU A 323 15.88 3.41 -16.82
N GLN A 324 15.18 4.54 -16.77
CA GLN A 324 13.77 4.60 -17.11
C GLN A 324 13.41 6.00 -17.61
N LYS A 325 12.69 6.76 -16.78
CA LYS A 325 12.27 8.11 -17.13
C LYS A 325 13.00 9.15 -16.31
N GLY A 326 13.54 8.74 -15.17
CA GLY A 326 14.24 9.68 -14.32
C GLY A 326 13.28 10.50 -13.47
N ILE A 327 12.11 9.93 -13.18
CA ILE A 327 11.14 10.62 -12.34
C ILE A 327 11.06 9.86 -11.01
N GLY A 328 10.83 10.58 -9.93
CA GLY A 328 10.73 9.91 -8.64
C GLY A 328 11.18 10.78 -7.49
N ARG A 329 11.26 10.16 -6.32
CA ARG A 329 11.66 10.87 -5.12
C ARG A 329 11.89 9.86 -4.01
N GLY A 330 12.88 10.10 -3.16
CA GLY A 330 13.14 9.18 -2.06
C GLY A 330 11.82 8.97 -1.32
N GLN A 331 11.51 7.72 -1.02
CA GLN A 331 10.24 7.39 -0.36
C GLN A 331 9.99 8.13 0.96
N ALA A 332 11.02 8.29 1.80
CA ALA A 332 10.84 8.97 3.07
C ALA A 332 10.43 10.43 2.85
N THR A 333 11.16 11.12 2.01
CA THR A 333 10.86 12.51 1.71
C THR A 333 9.45 12.64 1.13
N ALA A 334 9.09 11.70 0.26
CA ALA A 334 7.77 11.71 -0.36
C ALA A 334 6.66 11.57 0.68
N VAL A 335 6.80 10.60 1.58
CA VAL A 335 5.80 10.37 2.62
C VAL A 335 5.69 11.57 3.56
N ILE A 336 6.83 12.06 4.03
CA ILE A 336 6.84 13.20 4.95
C ILE A 336 6.16 14.42 4.34
N ASP A 337 6.41 14.67 3.05
CA ASP A 337 5.83 15.82 2.37
C ASP A 337 4.33 15.65 2.13
N VAL A 338 3.92 14.46 1.69
CA VAL A 338 2.51 14.20 1.44
C VAL A 338 1.71 14.23 2.75
N VAL A 339 2.28 13.67 3.81
CA VAL A 339 1.62 13.64 5.11
C VAL A 339 1.36 15.04 5.65
N ALA A 340 2.31 15.95 5.45
CA ALA A 340 2.14 17.33 5.92
C ALA A 340 1.01 18.00 5.14
N GLU A 341 0.95 17.73 3.84
CA GLU A 341 -0.09 18.32 3.01
C GLU A 341 -1.44 17.73 3.42
N ARG A 342 -1.46 16.43 3.67
CA ARG A 342 -2.69 15.74 4.08
C ARG A 342 -3.22 16.31 5.40
N ASN A 343 -2.31 16.60 6.33
CA ASN A 343 -2.72 17.16 7.62
C ASN A 343 -3.21 18.59 7.45
N LYS A 344 -2.60 19.30 6.51
CA LYS A 344 -3.00 20.67 6.22
C LYS A 344 -4.39 20.61 5.60
N TYR A 345 -4.58 19.65 4.69
CA TYR A 345 -5.85 19.48 4.01
C TYR A 345 -6.97 19.14 5.01
N PHE A 346 -6.65 18.31 6.00
CA PHE A 346 -7.62 17.92 7.03
C PHE A 346 -8.07 19.15 7.83
N GLU A 347 -7.11 20.01 8.18
CA GLU A 347 -7.43 21.22 8.94
C GLU A 347 -8.30 22.19 8.16
N GLU A 348 -8.10 22.27 6.85
CA GLU A 348 -8.86 23.20 6.01
C GLU A 348 -10.27 22.71 5.70
N THR A 349 -10.42 21.42 5.47
CA THR A 349 -11.70 20.84 5.08
C THR A 349 -12.39 19.87 6.03
N GLY A 350 -11.68 19.40 7.05
CA GLY A 350 -12.28 18.46 7.97
C GLY A 350 -12.30 17.06 7.39
N ILE A 351 -11.67 16.88 6.23
CA ILE A 351 -11.63 15.58 5.58
C ILE A 351 -10.27 14.92 5.81
N TYR A 352 -10.27 13.72 6.39
CA TYR A 352 -9.03 13.01 6.63
C TYR A 352 -8.85 11.95 5.54
N ILE A 353 -7.82 12.11 4.73
CA ILE A 353 -7.57 11.14 3.66
C ILE A 353 -6.39 10.24 4.03
N PRO A 354 -6.64 8.94 4.19
CA PRO A 354 -5.57 8.01 4.52
C PRO A 354 -4.56 7.95 3.37
N VAL A 355 -3.28 7.85 3.69
CA VAL A 355 -2.28 7.77 2.64
C VAL A 355 -1.53 6.45 2.77
N CYS A 356 -1.11 5.91 1.63
CA CYS A 356 -0.41 4.65 1.60
C CYS A 356 1.01 4.80 1.09
N SER A 357 1.98 4.31 1.87
CA SER A 357 3.37 4.36 1.45
C SER A 357 3.57 3.09 0.62
N ASP A 358 3.72 3.27 -0.69
CA ASP A 358 3.88 2.17 -1.62
C ASP A 358 5.29 1.99 -2.16
N GLY A 359 5.93 0.89 -1.78
CA GLY A 359 7.27 0.61 -2.26
C GLY A 359 8.40 1.19 -1.43
N GLY A 360 9.60 0.67 -1.66
CA GLY A 360 10.75 1.17 -0.93
C GLY A 360 10.99 0.51 0.41
N ILE A 361 10.18 -0.48 0.76
CA ILE A 361 10.34 -1.17 2.03
C ILE A 361 11.32 -2.32 1.83
N VAL A 362 12.50 -2.20 2.41
CA VAL A 362 13.53 -3.24 2.28
C VAL A 362 13.64 -4.10 3.54
N TYR A 363 13.53 -3.47 4.71
CA TYR A 363 13.62 -4.19 5.98
C TYR A 363 12.37 -3.96 6.85
N ASP A 364 12.14 -4.83 7.82
CA ASP A 364 10.97 -4.68 8.68
C ASP A 364 10.90 -3.30 9.33
N TYR A 365 12.03 -2.78 9.79
CA TYR A 365 12.02 -1.48 10.45
C TYR A 365 11.61 -0.33 9.53
N HIS A 366 11.66 -0.57 8.21
CA HIS A 366 11.24 0.46 7.28
C HIS A 366 9.73 0.63 7.43
N MET A 367 9.04 -0.45 7.83
CA MET A 367 7.58 -0.40 8.03
C MET A 367 7.30 0.58 9.16
N THR A 368 7.99 0.41 10.28
CA THR A 368 7.80 1.29 11.43
C THR A 368 8.09 2.73 11.03
N LEU A 369 9.15 2.94 10.25
CA LEU A 369 9.51 4.28 9.80
C LEU A 369 8.41 4.90 8.93
N ALA A 370 7.90 4.13 7.99
CA ALA A 370 6.85 4.61 7.09
C ALA A 370 5.62 5.04 7.89
N LEU A 371 5.25 4.24 8.88
CA LEU A 371 4.09 4.56 9.70
C LEU A 371 4.39 5.79 10.58
N ALA A 372 5.57 5.81 11.21
CA ALA A 372 5.95 6.92 12.07
C ALA A 372 5.96 8.24 11.33
N MET A 373 6.32 8.19 10.05
CA MET A 373 6.35 9.40 9.24
C MET A 373 4.95 9.89 8.84
N GLY A 374 3.92 9.10 9.13
CA GLY A 374 2.57 9.52 8.81
C GLY A 374 1.74 8.65 7.88
N ALA A 375 2.36 7.67 7.23
CA ALA A 375 1.60 6.78 6.36
C ALA A 375 0.64 5.96 7.20
N ASP A 376 -0.61 5.85 6.77
CA ASP A 376 -1.62 5.09 7.49
C ASP A 376 -1.40 3.60 7.26
N PHE A 377 -1.08 3.23 6.03
CA PHE A 377 -0.80 1.83 5.72
C PHE A 377 0.31 1.73 4.68
N ILE A 378 0.79 0.51 4.46
CA ILE A 378 1.90 0.25 3.55
C ILE A 378 1.55 -0.77 2.46
N MET A 379 1.97 -0.49 1.23
CA MET A 379 1.73 -1.43 0.14
C MET A 379 3.07 -2.09 -0.20
N LEU A 380 3.07 -3.42 -0.26
CA LEU A 380 4.29 -4.16 -0.55
C LEU A 380 4.10 -5.17 -1.68
N GLY A 381 5.13 -5.31 -2.50
CA GLY A 381 5.09 -6.26 -3.59
C GLY A 381 6.03 -7.41 -3.29
N ARG A 382 7.33 -7.14 -3.38
CA ARG A 382 8.37 -8.13 -3.13
C ARG A 382 8.15 -8.94 -1.84
N TYR A 383 7.86 -8.23 -0.75
CA TYR A 383 7.62 -8.83 0.55
C TYR A 383 6.63 -10.00 0.48
N PHE A 384 5.48 -9.77 -0.16
CA PHE A 384 4.45 -10.80 -0.28
C PHE A 384 4.70 -11.84 -1.38
N ALA A 385 5.44 -11.47 -2.41
CA ALA A 385 5.74 -12.36 -3.51
C ALA A 385 6.50 -13.61 -3.05
N ARG A 386 7.25 -13.46 -1.96
CA ARG A 386 8.04 -14.55 -1.39
C ARG A 386 7.20 -15.65 -0.75
N PHE A 387 5.95 -15.35 -0.44
CA PHE A 387 5.09 -16.33 0.22
C PHE A 387 4.47 -17.41 -0.66
N GLU A 388 4.17 -18.52 -0.02
CA GLU A 388 3.56 -19.67 -0.67
C GLU A 388 2.28 -19.25 -1.39
N GLU A 389 1.55 -18.31 -0.79
CA GLU A 389 0.30 -17.84 -1.36
C GLU A 389 0.38 -16.91 -2.58
N SER A 390 1.56 -16.46 -2.96
CA SER A 390 1.65 -15.60 -4.16
C SER A 390 1.37 -16.52 -5.35
N PRO A 391 0.77 -15.97 -6.42
CA PRO A 391 0.41 -16.72 -7.63
C PRO A 391 1.53 -17.13 -8.60
N THR A 392 2.79 -17.00 -8.19
CA THR A 392 3.87 -17.36 -9.09
C THR A 392 4.46 -18.75 -8.85
N ARG A 393 5.32 -19.16 -9.77
CA ARG A 393 5.96 -20.48 -9.71
C ARG A 393 7.09 -20.53 -8.69
N LYS A 394 7.12 -21.61 -7.93
CA LYS A 394 8.15 -21.85 -6.94
C LYS A 394 9.25 -22.54 -7.72
N VAL A 395 10.43 -21.94 -7.79
CA VAL A 395 11.53 -22.51 -8.55
C VAL A 395 12.77 -22.80 -7.71
N THR A 396 13.33 -23.99 -7.88
CA THR A 396 14.52 -24.39 -7.14
C THR A 396 15.77 -24.14 -7.95
N ILE A 397 16.59 -23.20 -7.50
CA ILE A 397 17.84 -22.85 -8.17
C ILE A 397 19.02 -23.20 -7.28
N ASN A 398 19.79 -24.20 -7.70
CA ASN A 398 20.96 -24.69 -6.96
C ASN A 398 20.75 -24.78 -5.45
N GLY A 399 19.78 -25.60 -5.03
CA GLY A 399 19.51 -25.78 -3.61
C GLY A 399 18.67 -24.72 -2.94
N SER A 400 18.40 -23.62 -3.64
CA SER A 400 17.59 -22.54 -3.07
C SER A 400 16.23 -22.43 -3.75
N VAL A 401 15.18 -22.48 -2.94
CA VAL A 401 13.83 -22.37 -3.46
C VAL A 401 13.51 -20.88 -3.58
N MET A 402 13.12 -20.47 -4.78
CA MET A 402 12.79 -19.07 -5.07
C MET A 402 11.39 -18.93 -5.64
N LYS A 403 10.94 -17.69 -5.77
CA LYS A 403 9.64 -17.41 -6.34
C LYS A 403 9.84 -16.35 -7.41
N GLU A 404 9.05 -16.43 -8.47
CA GLU A 404 9.16 -15.47 -9.54
C GLU A 404 8.58 -14.15 -9.10
N TYR A 405 9.14 -13.06 -9.62
CA TYR A 405 8.67 -11.74 -9.30
C TYR A 405 9.04 -10.79 -10.43
N TRP A 406 8.04 -10.14 -11.00
CA TRP A 406 8.28 -9.21 -12.08
C TRP A 406 7.40 -7.99 -11.88
N GLY A 407 7.89 -6.83 -12.32
CA GLY A 407 7.14 -5.61 -12.18
C GLY A 407 6.03 -5.50 -13.21
N GLU A 408 5.04 -4.65 -12.94
CA GLU A 408 3.93 -4.46 -13.85
C GLU A 408 4.39 -3.71 -15.10
N GLY A 409 5.58 -3.11 -15.01
CA GLY A 409 6.11 -2.37 -16.14
C GLY A 409 6.96 -3.21 -17.07
N SER A 410 7.28 -4.44 -16.65
CA SER A 410 8.08 -5.33 -17.50
C SER A 410 7.23 -5.78 -18.69
N SER A 411 7.91 -6.16 -19.77
CA SER A 411 7.21 -6.62 -20.95
C SER A 411 6.46 -7.91 -20.63
N ARG A 412 6.98 -8.67 -19.67
CA ARG A 412 6.36 -9.91 -19.27
C ARG A 412 4.94 -9.72 -18.72
N ALA A 413 4.66 -8.53 -18.22
CA ALA A 413 3.35 -8.23 -17.65
C ALA A 413 2.43 -7.46 -18.60
N ARG A 414 2.99 -6.48 -19.31
CA ARG A 414 2.22 -5.66 -20.24
C ARG A 414 1.60 -6.51 -21.35
N ASN A 415 2.26 -7.61 -21.68
CA ASN A 415 1.80 -8.51 -22.73
C ASN A 415 0.60 -9.36 -22.29
N TRP A 416 -0.50 -8.70 -21.91
CA TRP A 416 -1.71 -9.41 -21.49
C TRP A 416 -2.88 -9.08 -22.39
N SER A 428 11.19 -2.16 -27.09
CA SER A 428 12.64 -2.09 -27.07
C SER A 428 13.16 -1.57 -25.74
N PHE A 429 12.24 -1.35 -24.81
CA PHE A 429 12.60 -0.84 -23.48
C PHE A 429 11.85 -1.65 -22.42
N GLU A 430 11.84 -1.17 -21.19
CA GLU A 430 11.14 -1.85 -20.10
C GLU A 430 11.15 -1.05 -18.80
N GLU A 431 9.97 -0.81 -18.25
CA GLU A 431 9.81 -0.05 -17.02
C GLU A 431 10.12 -0.82 -15.74
N GLY A 432 10.18 -2.14 -15.84
CA GLY A 432 10.47 -2.95 -14.68
C GLY A 432 11.37 -4.13 -14.99
N VAL A 433 11.58 -5.00 -14.01
CA VAL A 433 12.43 -6.16 -14.21
C VAL A 433 11.73 -7.46 -13.83
N ASP A 434 12.30 -8.58 -14.29
CA ASP A 434 11.77 -9.91 -14.02
C ASP A 434 12.85 -10.71 -13.29
N SER A 435 12.65 -10.96 -12.00
CA SER A 435 13.63 -11.68 -11.21
C SER A 435 13.07 -12.72 -10.25
N TYR A 436 13.87 -13.09 -9.26
CA TYR A 436 13.50 -14.08 -8.26
C TYR A 436 13.65 -13.55 -6.84
N VAL A 437 12.79 -14.03 -5.95
CA VAL A 437 12.86 -13.66 -4.54
C VAL A 437 12.91 -14.96 -3.75
N PRO A 438 13.63 -14.98 -2.63
CA PRO A 438 13.74 -16.20 -1.83
C PRO A 438 12.43 -16.62 -1.15
N TYR A 439 12.11 -17.90 -1.26
CA TYR A 439 10.90 -18.46 -0.67
C TYR A 439 10.95 -18.29 0.84
N ALA A 440 9.87 -17.77 1.42
CA ALA A 440 9.82 -17.53 2.85
C ALA A 440 8.76 -18.38 3.56
N GLY A 441 8.04 -19.21 2.80
CA GLY A 441 7.03 -20.04 3.40
C GLY A 441 5.66 -19.37 3.39
N LYS A 442 4.80 -19.73 4.34
CA LYS A 442 3.46 -19.17 4.43
C LYS A 442 3.48 -17.72 4.91
N LEU A 443 2.52 -16.95 4.42
CA LEU A 443 2.37 -15.54 4.78
C LEU A 443 2.22 -15.32 6.29
N LYS A 444 1.35 -16.11 6.92
CA LYS A 444 1.08 -15.99 8.34
C LYS A 444 2.28 -15.81 9.28
N ASP A 445 3.18 -16.77 9.29
CA ASP A 445 4.36 -16.75 10.16
C ASP A 445 5.27 -15.54 9.91
N ASN A 446 5.42 -15.17 8.65
CA ASN A 446 6.27 -14.05 8.29
C ASN A 446 5.68 -12.71 8.70
N VAL A 447 4.40 -12.51 8.42
CA VAL A 447 3.73 -11.28 8.79
C VAL A 447 3.72 -11.11 10.30
N GLU A 448 3.52 -12.21 11.02
CA GLU A 448 3.49 -12.17 12.47
C GLU A 448 4.85 -11.75 13.02
N ALA A 449 5.92 -12.32 12.47
CA ALA A 449 7.28 -11.97 12.92
C ALA A 449 7.59 -10.51 12.61
N SER A 450 7.16 -10.04 11.45
CA SER A 450 7.40 -8.66 11.04
C SER A 450 6.67 -7.67 11.95
N LEU A 451 5.39 -7.92 12.20
CA LEU A 451 4.59 -7.03 13.02
C LEU A 451 4.95 -7.09 14.51
N ASN A 452 5.55 -8.19 14.96
CA ASN A 452 5.95 -8.26 16.35
C ASN A 452 7.10 -7.30 16.55
N LYS A 453 7.96 -7.19 15.55
CA LYS A 453 9.08 -6.27 15.64
C LYS A 453 8.58 -4.83 15.57
N VAL A 454 7.58 -4.58 14.73
CA VAL A 454 7.02 -3.25 14.62
C VAL A 454 6.41 -2.86 15.97
N LYS A 455 5.63 -3.76 16.55
CA LYS A 455 4.97 -3.52 17.84
C LYS A 455 5.99 -3.23 18.94
N SER A 456 7.07 -4.00 18.95
CA SER A 456 8.13 -3.84 19.93
C SER A 456 8.80 -2.47 19.79
N THR A 457 9.10 -2.08 18.55
CA THR A 457 9.72 -0.80 18.29
C THR A 457 8.77 0.32 18.72
N MET A 458 7.48 0.14 18.45
CA MET A 458 6.49 1.13 18.83
C MET A 458 6.53 1.37 20.32
N CYS A 459 6.71 0.30 21.11
CA CYS A 459 6.76 0.49 22.55
C CYS A 459 8.03 1.24 22.95
N ASN A 460 9.10 1.05 22.19
CA ASN A 460 10.36 1.75 22.45
C ASN A 460 10.09 3.24 22.24
N CYS A 461 9.17 3.55 21.34
CA CYS A 461 8.85 4.94 21.04
C CYS A 461 7.70 5.48 21.88
N GLY A 462 7.21 4.68 22.82
CA GLY A 462 6.12 5.10 23.69
C GLY A 462 4.76 5.12 23.02
N ALA A 463 4.57 4.25 22.03
CA ALA A 463 3.31 4.21 21.30
C ALA A 463 2.57 2.88 21.39
N LEU A 464 1.29 2.94 21.70
CA LEU A 464 0.44 1.76 21.77
C LEU A 464 -0.42 1.64 20.53
N THR A 465 -0.46 2.70 19.73
CA THR A 465 -1.24 2.71 18.50
C THR A 465 -0.47 3.43 17.40
N ILE A 466 -0.90 3.26 16.15
CA ILE A 466 -0.22 3.92 15.04
C ILE A 466 -0.35 5.44 15.17
N PRO A 467 -1.55 5.96 15.48
CA PRO A 467 -1.67 7.42 15.60
C PRO A 467 -0.74 7.98 16.68
N GLN A 468 -0.57 7.22 17.75
CA GLN A 468 0.29 7.66 18.83
C GLN A 468 1.76 7.64 18.39
N LEU A 469 2.11 6.68 17.53
CA LEU A 469 3.46 6.58 17.00
C LEU A 469 3.73 7.77 16.08
N GLN A 470 2.75 8.10 15.24
CA GLN A 470 2.89 9.20 14.29
C GLN A 470 3.03 10.52 15.02
N SER A 471 2.48 10.57 16.23
CA SER A 471 2.54 11.77 17.04
C SER A 471 3.82 11.88 17.88
N LYS A 472 4.27 10.76 18.44
CA LYS A 472 5.44 10.76 19.31
C LYS A 472 6.80 10.36 18.75
N ALA A 473 6.83 9.73 17.58
CA ALA A 473 8.11 9.28 17.03
C ALA A 473 9.15 10.39 16.88
N LYS A 474 10.38 10.05 17.24
CA LYS A 474 11.53 10.95 17.15
C LYS A 474 12.36 10.31 16.05
N ILE A 475 12.41 10.97 14.89
CA ILE A 475 13.10 10.41 13.74
C ILE A 475 14.33 11.21 13.33
N THR A 476 15.47 10.52 13.26
CA THR A 476 16.70 11.20 12.87
C THR A 476 17.26 10.68 11.57
N LEU A 477 17.88 11.59 10.84
CA LEU A 477 18.53 11.27 9.59
C LEU A 477 19.90 10.75 10.02
N VAL A 478 20.48 9.87 9.21
CA VAL A 478 21.80 9.28 9.48
C VAL A 478 22.78 9.75 8.41
N SER A 479 24.04 9.97 8.78
CA SER A 479 25.04 10.43 7.82
C SER A 479 25.39 9.38 6.79
N SER A 480 25.87 9.85 5.63
CA SER A 480 26.27 8.96 4.53
C SER A 480 27.27 7.91 5.01
N VAL A 481 28.31 8.38 5.71
CA VAL A 481 29.36 7.51 6.24
C VAL A 481 28.82 6.39 7.13
N SER A 482 27.82 6.70 7.95
CA SER A 482 27.23 5.71 8.84
C SER A 482 26.72 4.51 8.04
N ILE A 483 26.41 4.74 6.77
CA ILE A 483 25.89 3.68 5.91
C ILE A 483 26.99 3.12 5.01
#